data_2A2F
#
_entry.id   2A2F
#
_cell.length_a   80.5
_cell.length_b   93.9
_cell.length_c   123.5
_cell.angle_alpha   90
_cell.angle_beta   90
_cell.angle_gamma   90
#
_symmetry.space_group_name_H-M   'C 2 2 21'
#
loop_
_entity.id
_entity.type
_entity.pdbx_description
1 polymer 'Exocyst complex component Sec15'
2 water water
#
_entity_poly.entity_id   1
_entity_poly.type   'polypeptide(L)'
_entity_poly.pdbx_seq_one_letter_code
;MVNILWELLHNMRDHYNEVLLQRWVHVFREILDKEQFLPMVVQNTEEYECIIERFPFHSEQLENAPFPKKFPFSRMVPEV
YHQAKEFMYACMKFAEELTLSPNEVAAMVRKAANLLLTRSFSGCLSVVFRQPSITLTQLIQIIIDTQYLEKAGPFLDEFV
CHMTNTERSVSQTPSAMFHVARQDAEKQVGLRICSKIDEFFELSAYDWLLVEPPGIASAFITDMISYLKSTFDSFAFKLP
HIAQAACRRTFEHIAEKIYSIMYDEDVKQISTGALTQINLDLMQCEFFAASEPVPGLKEGELSKYFLRNRQLLDLLILEH
HHHHH
;
_entity_poly.pdbx_strand_id   X
#
# COMPACT_ATOMS: atom_id res chain seq x y z
N ASN A 3 38.56 6.12 -12.93
CA ASN A 3 38.30 5.74 -14.35
C ASN A 3 37.13 6.56 -14.90
N ILE A 4 37.47 7.56 -15.71
CA ILE A 4 36.49 8.45 -16.32
C ILE A 4 35.48 7.70 -17.17
N LEU A 5 35.93 6.67 -17.88
CA LEU A 5 35.04 5.91 -18.75
C LEU A 5 34.07 5.07 -17.94
N TRP A 6 34.50 4.66 -16.75
CA TRP A 6 33.67 3.86 -15.88
C TRP A 6 32.64 4.76 -15.21
N GLU A 7 33.09 5.90 -14.74
CA GLU A 7 32.19 6.86 -14.11
C GLU A 7 31.18 7.36 -15.16
N LEU A 8 31.57 7.34 -16.43
CA LEU A 8 30.65 7.77 -17.48
C LEU A 8 29.53 6.74 -17.67
N LEU A 9 29.88 5.46 -17.60
CA LEU A 9 28.91 4.36 -17.75
C LEU A 9 27.93 4.45 -16.60
N HIS A 10 28.48 4.70 -15.42
CA HIS A 10 27.71 4.83 -14.19
C HIS A 10 26.65 5.91 -14.30
N ASN A 11 27.04 7.06 -14.81
CA ASN A 11 26.12 8.18 -14.95
C ASN A 11 25.02 7.85 -15.94
N MET A 12 25.39 7.22 -17.05
CA MET A 12 24.39 6.83 -18.05
C MET A 12 23.33 5.92 -17.43
N ARG A 13 23.76 5.00 -16.56
CA ARG A 13 22.83 4.10 -15.89
C ARG A 13 21.95 4.88 -14.92
N ASP A 14 22.55 5.75 -14.11
CA ASP A 14 21.77 6.57 -13.19
C ASP A 14 20.76 7.42 -13.95
N HIS A 15 21.16 7.92 -15.11
CA HIS A 15 20.25 8.72 -15.88
C HIS A 15 19.11 7.84 -16.40
N TYR A 16 19.45 6.69 -16.98
CA TYR A 16 18.42 5.79 -17.52
C TYR A 16 17.40 5.41 -16.44
N ASN A 17 17.91 5.15 -15.24
CA ASN A 17 17.06 4.80 -14.11
C ASN A 17 16.14 5.96 -13.81
N GLU A 18 16.69 7.16 -13.90
CA GLU A 18 15.95 8.39 -13.64
C GLU A 18 14.85 8.61 -14.67
N VAL A 19 15.15 8.34 -15.93
CA VAL A 19 14.15 8.49 -16.97
C VAL A 19 13.00 7.48 -16.76
N LEU A 20 13.35 6.30 -16.26
CA LEU A 20 12.35 5.25 -16.00
C LEU A 20 11.52 5.60 -14.77
N LEU A 21 12.21 6.00 -13.71
CA LEU A 21 11.55 6.37 -12.47
C LEU A 21 10.56 7.50 -12.73
N GLN A 22 11.00 8.51 -13.46
CA GLN A 22 10.12 9.64 -13.74
C GLN A 22 9.03 9.29 -14.74
N ARG A 23 9.18 8.16 -15.43
CA ARG A 23 8.16 7.73 -16.37
C ARG A 23 7.11 6.99 -15.56
N TRP A 24 7.56 6.19 -14.58
CA TRP A 24 6.65 5.46 -13.72
C TRP A 24 5.79 6.44 -12.95
N VAL A 25 6.42 7.53 -12.49
CA VAL A 25 5.72 8.55 -11.74
C VAL A 25 4.68 9.26 -12.58
N HIS A 26 4.97 9.42 -13.87
CA HIS A 26 4.02 10.07 -14.76
C HIS A 26 2.77 9.22 -14.97
N VAL A 27 2.89 7.89 -15.05
CA VAL A 27 1.70 7.08 -15.25
C VAL A 27 0.86 7.07 -13.97
N PHE A 28 1.52 7.27 -12.82
CA PHE A 28 0.81 7.31 -11.54
C PHE A 28 0.02 8.60 -11.37
N ARG A 29 0.59 9.73 -11.78
CA ARG A 29 -0.13 11.00 -11.66
C ARG A 29 -1.36 10.95 -12.57
N GLU A 30 -1.16 10.47 -13.80
CA GLU A 30 -2.26 10.38 -14.76
C GLU A 30 -3.40 9.51 -14.28
N ILE A 31 -3.07 8.32 -13.79
CA ILE A 31 -4.11 7.42 -13.32
C ILE A 31 -4.80 7.94 -12.06
N LEU A 32 -4.11 8.79 -11.30
CA LEU A 32 -4.73 9.33 -10.11
C LEU A 32 -5.70 10.43 -10.54
N ASP A 33 -5.28 11.25 -11.51
CA ASP A 33 -6.09 12.35 -12.01
C ASP A 33 -7.25 11.94 -12.90
N LYS A 34 -6.96 11.13 -13.91
CA LYS A 34 -8.01 10.71 -14.83
C LYS A 34 -8.99 9.65 -14.32
N GLU A 35 -8.50 8.71 -13.51
CA GLU A 35 -9.35 7.64 -12.99
C GLU A 35 -9.36 7.48 -11.48
N GLN A 36 -8.73 8.41 -10.77
CA GLN A 36 -8.71 8.34 -9.31
C GLN A 36 -8.33 6.96 -8.74
N PHE A 37 -7.43 6.25 -9.42
CA PHE A 37 -6.96 4.93 -9.01
C PHE A 37 -8.01 3.90 -8.59
N LEU A 38 -9.08 3.79 -9.37
CA LEU A 38 -10.13 2.83 -9.05
C LEU A 38 -10.04 1.61 -9.94
N PRO A 39 -10.49 0.45 -9.43
CA PRO A 39 -10.43 -0.79 -10.24
C PRO A 39 -11.10 -0.56 -11.59
N MET A 40 -10.50 -1.10 -12.64
CA MET A 40 -11.06 -0.96 -13.98
C MET A 40 -12.36 -1.75 -14.08
N VAL A 41 -13.42 -1.05 -14.47
CA VAL A 41 -14.72 -1.69 -14.62
C VAL A 41 -15.23 -1.53 -16.04
N VAL A 42 -15.70 -2.62 -16.61
CA VAL A 42 -16.20 -2.62 -17.97
C VAL A 42 -17.18 -3.75 -18.25
N GLN A 43 -18.10 -3.52 -19.19
CA GLN A 43 -19.09 -4.50 -19.61
C GLN A 43 -19.23 -4.34 -21.11
N ASN A 44 -18.33 -4.98 -21.84
CA ASN A 44 -18.32 -4.89 -23.30
C ASN A 44 -17.07 -5.64 -23.73
N THR A 45 -17.25 -6.84 -24.27
CA THR A 45 -16.15 -7.66 -24.72
C THR A 45 -15.04 -6.86 -25.41
N GLU A 46 -15.42 -5.93 -26.28
CA GLU A 46 -14.44 -5.10 -26.98
C GLU A 46 -13.66 -4.18 -26.04
N GLU A 47 -13.71 -4.50 -24.75
CA GLU A 47 -13.00 -3.73 -23.74
C GLU A 47 -12.36 -4.73 -22.80
N TYR A 48 -13.15 -5.71 -22.37
CA TYR A 48 -12.66 -6.75 -21.48
C TYR A 48 -11.42 -7.39 -22.06
N GLU A 49 -11.50 -7.76 -23.34
CA GLU A 49 -10.36 -8.39 -23.99
C GLU A 49 -9.32 -7.34 -24.34
N CYS A 50 -9.75 -6.09 -24.46
CA CYS A 50 -8.83 -4.99 -24.76
C CYS A 50 -7.87 -4.85 -23.58
N ILE A 51 -8.29 -5.38 -22.44
CA ILE A 51 -7.50 -5.36 -21.22
C ILE A 51 -6.75 -6.69 -21.16
N ILE A 52 -7.48 -7.77 -21.42
CA ILE A 52 -6.90 -9.12 -21.41
C ILE A 52 -5.73 -9.26 -22.37
N GLU A 53 -5.70 -8.43 -23.40
CA GLU A 53 -4.62 -8.50 -24.39
C GLU A 53 -3.41 -7.68 -23.99
N ARG A 54 -3.65 -6.57 -23.29
CA ARG A 54 -2.58 -5.69 -22.85
C ARG A 54 -1.92 -6.23 -21.57
N PHE A 55 -2.67 -7.04 -20.83
CA PHE A 55 -2.20 -7.63 -19.58
C PHE A 55 -2.78 -9.03 -19.35
N PRO A 56 -1.93 -10.06 -19.29
CA PRO A 56 -2.30 -11.46 -19.09
C PRO A 56 -2.97 -11.80 -17.75
N PHE A 57 -4.30 -11.79 -17.72
CA PHE A 57 -5.04 -12.07 -16.50
C PHE A 57 -6.05 -13.21 -16.67
N HIS A 58 -5.95 -14.22 -15.82
CA HIS A 58 -6.84 -15.38 -15.85
C HIS A 58 -8.33 -14.98 -15.81
N SER A 59 -9.01 -15.24 -16.92
CA SER A 59 -10.43 -14.88 -17.12
C SER A 59 -11.51 -15.24 -16.09
N GLU A 60 -12.71 -14.75 -16.40
CA GLU A 60 -13.93 -14.96 -15.64
C GLU A 60 -15.01 -14.70 -16.69
N GLN A 61 -16.26 -15.04 -16.41
CA GLN A 61 -17.31 -14.85 -17.41
C GLN A 61 -18.49 -14.01 -16.91
N LEU A 62 -18.74 -14.08 -15.61
CA LEU A 62 -19.86 -13.36 -15.00
C LEU A 62 -20.06 -11.91 -15.37
N GLU A 63 -21.33 -11.52 -15.40
CA GLU A 63 -21.79 -10.17 -15.70
C GLU A 63 -20.73 -9.24 -16.25
N PRO A 68 -19.57 0.17 -10.19
CA PRO A 68 -18.11 -0.03 -10.22
C PRO A 68 -17.65 -1.44 -9.79
N LYS A 69 -16.34 -1.56 -9.53
CA LYS A 69 -15.72 -2.81 -9.09
C LYS A 69 -15.84 -3.96 -10.12
N LYS A 70 -14.86 -4.06 -11.02
CA LYS A 70 -14.89 -5.13 -12.02
C LYS A 70 -13.59 -5.91 -11.92
N PHE A 71 -12.52 -5.37 -12.47
CA PHE A 71 -11.21 -6.01 -12.41
C PHE A 71 -10.63 -5.74 -11.02
N PRO A 72 -9.85 -6.68 -10.48
CA PRO A 72 -9.23 -6.52 -9.16
C PRO A 72 -8.23 -5.37 -9.12
N PHE A 73 -7.70 -5.02 -10.28
CA PHE A 73 -6.69 -3.98 -10.37
C PHE A 73 -7.06 -2.74 -11.18
N SER A 74 -6.33 -1.65 -10.93
CA SER A 74 -6.57 -0.40 -11.64
C SER A 74 -5.79 -0.37 -12.96
N ARG A 75 -5.98 0.70 -13.72
CA ARG A 75 -5.31 0.84 -15.01
C ARG A 75 -3.79 0.91 -14.91
N MET A 76 -3.27 1.16 -13.73
CA MET A 76 -1.83 1.24 -13.54
C MET A 76 -1.19 -0.08 -13.94
N VAL A 77 -1.87 -1.18 -13.62
CA VAL A 77 -1.34 -2.51 -13.92
C VAL A 77 -1.09 -2.79 -15.40
N PRO A 78 -2.10 -2.58 -16.25
CA PRO A 78 -1.80 -2.86 -17.66
C PRO A 78 -0.77 -1.91 -18.24
N GLU A 79 -0.90 -0.64 -17.86
CA GLU A 79 -0.01 0.39 -18.34
C GLU A 79 1.44 0.06 -17.96
N VAL A 80 1.68 -0.19 -16.68
CA VAL A 80 3.03 -0.52 -16.22
C VAL A 80 3.56 -1.79 -16.89
N TYR A 81 2.73 -2.82 -16.96
CA TYR A 81 3.12 -4.09 -17.58
C TYR A 81 3.57 -3.84 -19.02
N HIS A 82 2.76 -3.05 -19.71
CA HIS A 82 3.03 -2.69 -21.09
C HIS A 82 4.36 -1.96 -21.21
N GLN A 83 4.60 -1.00 -20.32
CA GLN A 83 5.82 -0.21 -20.34
C GLN A 83 7.05 -1.08 -20.07
N ALA A 84 6.94 -2.02 -19.14
CA ALA A 84 8.07 -2.92 -18.85
C ALA A 84 8.38 -3.71 -20.11
N LYS A 85 7.32 -4.14 -20.80
CA LYS A 85 7.43 -4.91 -22.03
C LYS A 85 8.14 -4.11 -23.13
N GLU A 86 7.77 -2.85 -23.29
CA GLU A 86 8.42 -2.00 -24.31
C GLU A 86 9.90 -1.82 -23.98
N PHE A 87 10.22 -1.73 -22.69
CA PHE A 87 11.60 -1.60 -22.25
C PHE A 87 12.44 -2.83 -22.65
N MET A 88 11.94 -4.02 -22.31
CA MET A 88 12.61 -5.27 -22.64
C MET A 88 12.82 -5.36 -24.13
N TYR A 89 11.80 -4.98 -24.88
CA TYR A 89 11.91 -5.01 -26.33
C TYR A 89 13.06 -4.12 -26.73
N ALA A 90 13.05 -2.88 -26.25
CA ALA A 90 14.12 -1.94 -26.57
C ALA A 90 15.48 -2.56 -26.34
N CYS A 91 15.70 -3.09 -25.14
CA CYS A 91 16.98 -3.68 -24.80
C CYS A 91 17.44 -4.83 -25.68
N MET A 92 16.54 -5.76 -26.03
CA MET A 92 16.92 -6.88 -26.88
C MET A 92 17.29 -6.37 -28.25
N LYS A 93 16.45 -5.48 -28.77
CA LYS A 93 16.70 -4.88 -30.08
C LYS A 93 18.09 -4.26 -30.06
N PHE A 94 18.38 -3.52 -29.00
CA PHE A 94 19.64 -2.85 -28.84
C PHE A 94 20.80 -3.85 -28.68
N ALA A 95 20.61 -4.89 -27.88
CA ALA A 95 21.64 -5.90 -27.66
C ALA A 95 21.93 -6.65 -28.94
N GLU A 96 20.89 -6.84 -29.76
CA GLU A 96 21.06 -7.54 -31.02
C GLU A 96 21.90 -6.70 -31.96
N GLU A 97 21.73 -5.39 -31.89
CA GLU A 97 22.51 -4.51 -32.75
C GLU A 97 23.98 -4.55 -32.37
N LEU A 98 24.24 -4.80 -31.09
CA LEU A 98 25.62 -4.90 -30.61
C LEU A 98 26.16 -6.27 -31.01
N THR A 99 25.36 -7.00 -31.79
CA THR A 99 25.68 -8.33 -32.31
C THR A 99 25.94 -9.41 -31.28
N LEU A 100 25.09 -9.50 -30.27
CA LEU A 100 25.25 -10.53 -29.24
C LEU A 100 24.45 -11.74 -29.67
N SER A 101 24.86 -12.93 -29.25
CA SER A 101 24.14 -14.14 -29.58
C SER A 101 22.82 -14.16 -28.79
N PRO A 102 21.84 -14.98 -29.22
CA PRO A 102 20.56 -15.06 -28.53
C PRO A 102 20.58 -15.32 -27.03
N ASN A 103 21.47 -16.19 -26.58
CA ASN A 103 21.51 -16.47 -25.15
C ASN A 103 22.17 -15.34 -24.42
N GLU A 104 23.03 -14.61 -25.13
CA GLU A 104 23.71 -13.47 -24.53
C GLU A 104 22.76 -12.29 -24.44
N VAL A 105 21.80 -12.22 -25.36
CA VAL A 105 20.80 -11.15 -25.37
C VAL A 105 19.79 -11.45 -24.26
N ALA A 106 19.42 -12.72 -24.13
CA ALA A 106 18.47 -13.13 -23.10
C ALA A 106 19.06 -12.95 -21.71
N ALA A 107 20.37 -13.17 -21.59
CA ALA A 107 21.04 -13.01 -20.30
C ALA A 107 21.15 -11.52 -20.01
N MET A 108 21.71 -10.78 -20.96
CA MET A 108 21.87 -9.34 -20.82
C MET A 108 20.56 -8.75 -20.35
N VAL A 109 19.59 -8.74 -21.25
CA VAL A 109 18.26 -8.20 -20.98
C VAL A 109 17.69 -8.60 -19.62
N ARG A 110 17.56 -9.91 -19.39
CA ARG A 110 17.00 -10.43 -18.15
C ARG A 110 17.63 -9.80 -16.91
N LYS A 111 18.92 -9.55 -16.94
CA LYS A 111 19.61 -8.96 -15.80
C LYS A 111 19.56 -7.43 -15.76
N ALA A 112 20.04 -6.79 -16.81
CA ALA A 112 20.05 -5.34 -16.88
C ALA A 112 18.65 -4.74 -16.79
N ALA A 113 17.69 -5.38 -17.45
CA ALA A 113 16.32 -4.89 -17.43
C ALA A 113 15.64 -5.08 -16.07
N ASN A 114 15.77 -6.26 -15.49
CA ASN A 114 15.16 -6.56 -14.21
C ASN A 114 15.80 -5.81 -13.04
N LEU A 115 16.90 -5.11 -13.31
CA LEU A 115 17.59 -4.34 -12.28
C LEU A 115 17.11 -2.90 -12.41
N LEU A 116 17.03 -2.42 -13.65
CA LEU A 116 16.58 -1.08 -13.94
C LEU A 116 15.10 -0.88 -13.65
N LEU A 117 14.27 -1.84 -14.08
CA LEU A 117 12.83 -1.75 -13.83
C LEU A 117 12.57 -1.87 -12.34
N THR A 118 13.25 -2.82 -11.71
CA THR A 118 13.11 -3.05 -10.28
C THR A 118 13.52 -1.84 -9.46
N ARG A 119 14.65 -1.25 -9.79
CA ARG A 119 15.13 -0.08 -9.05
C ARG A 119 14.26 1.13 -9.35
N SER A 120 13.96 1.36 -10.61
CA SER A 120 13.14 2.53 -10.98
C SER A 120 11.69 2.49 -10.50
N PHE A 121 11.07 1.31 -10.47
CA PHE A 121 9.68 1.19 -10.03
C PHE A 121 9.66 1.36 -8.52
N SER A 122 10.70 0.83 -7.88
CA SER A 122 10.85 0.93 -6.45
C SER A 122 11.00 2.42 -6.09
N GLY A 123 11.79 3.13 -6.86
CA GLY A 123 11.97 4.54 -6.61
C GLY A 123 10.66 5.28 -6.79
N CYS A 124 9.84 4.83 -7.74
CA CYS A 124 8.56 5.48 -7.97
C CYS A 124 7.67 5.30 -6.75
N LEU A 125 7.47 4.05 -6.37
CA LEU A 125 6.63 3.72 -5.22
C LEU A 125 7.00 4.59 -4.03
N SER A 126 8.30 4.70 -3.81
CA SER A 126 8.83 5.49 -2.71
C SER A 126 8.33 6.94 -2.82
N VAL A 127 8.38 7.50 -4.02
CA VAL A 127 7.96 8.87 -4.23
C VAL A 127 6.45 9.06 -4.14
N VAL A 128 5.69 8.07 -4.63
CA VAL A 128 4.22 8.14 -4.62
C VAL A 128 3.60 7.98 -3.21
N PHE A 129 4.26 7.22 -2.34
CA PHE A 129 3.74 7.06 -0.99
C PHE A 129 3.90 8.35 -0.18
N ARG A 130 4.90 9.15 -0.55
CA ARG A 130 5.16 10.43 0.14
C ARG A 130 4.07 11.45 -0.15
N GLN A 131 3.24 11.18 -1.16
CA GLN A 131 2.20 12.11 -1.54
C GLN A 131 0.93 12.04 -0.68
N PRO A 132 0.41 13.21 -0.29
CA PRO A 132 -0.80 13.36 0.54
C PRO A 132 -2.03 13.11 -0.33
N SER A 133 -1.87 13.33 -1.63
CA SER A 133 -2.95 13.12 -2.59
C SER A 133 -3.39 11.66 -2.55
N ILE A 134 -2.47 10.78 -2.19
CA ILE A 134 -2.74 9.37 -2.10
C ILE A 134 -3.55 9.05 -0.84
N THR A 135 -4.84 8.82 -1.02
CA THR A 135 -5.69 8.48 0.11
C THR A 135 -5.36 7.05 0.53
N LEU A 136 -5.86 6.63 1.68
CA LEU A 136 -5.59 5.29 2.18
C LEU A 136 -6.18 4.21 1.29
N THR A 137 -7.33 4.51 0.69
CA THR A 137 -7.99 3.55 -0.17
C THR A 137 -7.17 3.36 -1.43
N GLN A 138 -6.65 4.46 -1.97
CA GLN A 138 -5.84 4.40 -3.18
C GLN A 138 -4.54 3.64 -2.92
N LEU A 139 -3.99 3.81 -1.73
CA LEU A 139 -2.75 3.13 -1.36
C LEU A 139 -2.97 1.62 -1.35
N ILE A 140 -4.06 1.18 -0.73
CA ILE A 140 -4.37 -0.24 -0.68
C ILE A 140 -4.51 -0.72 -2.12
N GLN A 141 -5.11 0.12 -2.97
CA GLN A 141 -5.30 -0.25 -4.37
C GLN A 141 -3.94 -0.48 -5.04
N ILE A 142 -3.01 0.44 -4.79
CA ILE A 142 -1.66 0.35 -5.34
C ILE A 142 -0.97 -0.92 -4.84
N ILE A 143 -1.16 -1.24 -3.56
CA ILE A 143 -0.53 -2.42 -3.00
C ILE A 143 -1.00 -3.69 -3.71
N ILE A 144 -2.31 -3.88 -3.84
CA ILE A 144 -2.80 -5.08 -4.50
C ILE A 144 -2.47 -5.04 -5.99
N ASP A 145 -2.44 -3.83 -6.53
CA ASP A 145 -2.10 -3.63 -7.94
C ASP A 145 -0.73 -4.23 -8.21
N THR A 146 0.23 -3.93 -7.35
CA THR A 146 1.58 -4.43 -7.53
C THR A 146 1.66 -5.94 -7.31
N GLN A 147 0.68 -6.52 -6.63
CA GLN A 147 0.66 -7.95 -6.42
C GLN A 147 0.30 -8.63 -7.74
N TYR A 148 -0.63 -8.02 -8.47
CA TYR A 148 -1.04 -8.54 -9.76
C TYR A 148 0.08 -8.44 -10.79
N LEU A 149 0.93 -7.43 -10.64
CA LEU A 149 2.05 -7.24 -11.55
C LEU A 149 3.10 -8.26 -11.20
N GLU A 150 3.16 -8.59 -9.93
CA GLU A 150 4.10 -9.56 -9.38
C GLU A 150 3.76 -10.92 -9.98
N LYS A 151 2.46 -11.18 -10.08
CA LYS A 151 1.97 -12.44 -10.60
C LYS A 151 2.14 -12.52 -12.11
N ALA A 152 2.42 -11.39 -12.73
CA ALA A 152 2.59 -11.36 -14.17
C ALA A 152 4.07 -11.47 -14.53
N GLY A 153 4.92 -11.49 -13.51
CA GLY A 153 6.35 -11.58 -13.73
C GLY A 153 6.76 -12.67 -14.69
N PRO A 154 6.17 -13.89 -14.57
CA PRO A 154 6.51 -15.01 -15.46
C PRO A 154 6.33 -14.72 -16.95
N PHE A 155 5.17 -14.20 -17.33
CA PHE A 155 4.88 -13.89 -18.73
C PHE A 155 5.93 -12.97 -19.33
N LEU A 156 6.48 -12.13 -18.48
CA LEU A 156 7.50 -11.20 -18.90
C LEU A 156 8.75 -11.97 -19.27
N ASP A 157 9.10 -12.95 -18.43
CA ASP A 157 10.30 -13.75 -18.70
C ASP A 157 10.11 -14.59 -19.97
N GLU A 158 8.90 -15.07 -20.18
CA GLU A 158 8.59 -15.85 -21.36
C GLU A 158 8.79 -14.98 -22.60
N PHE A 159 8.37 -13.72 -22.49
CA PHE A 159 8.48 -12.77 -23.59
C PHE A 159 9.92 -12.70 -24.09
N VAL A 160 10.85 -12.61 -23.15
CA VAL A 160 12.28 -12.56 -23.48
C VAL A 160 12.71 -13.87 -24.14
N CYS A 161 12.22 -14.98 -23.59
CA CYS A 161 12.55 -16.30 -24.13
C CYS A 161 12.08 -16.40 -25.58
N HIS A 162 10.83 -16.04 -25.80
CA HIS A 162 10.22 -16.08 -27.12
C HIS A 162 10.91 -15.13 -28.08
N MET A 163 11.07 -13.88 -27.69
CA MET A 163 11.71 -12.90 -28.57
C MET A 163 13.10 -13.36 -28.97
N THR A 164 13.91 -13.76 -28.00
CA THR A 164 15.26 -14.23 -28.30
C THR A 164 15.28 -15.66 -28.81
N ASN A 165 14.12 -16.31 -28.81
CA ASN A 165 13.99 -17.69 -29.25
C ASN A 165 14.97 -18.50 -28.40
N THR A 166 14.89 -18.26 -27.11
CA THR A 166 15.77 -18.86 -26.14
C THR A 166 15.05 -19.82 -25.21
N GLU A 167 15.82 -20.66 -24.54
CA GLU A 167 15.31 -21.65 -23.61
C GLU A 167 15.43 -21.07 -22.20
N ARG A 168 14.38 -21.21 -21.41
CA ARG A 168 14.38 -20.71 -20.03
C ARG A 168 15.74 -20.88 -19.35
N ALA A 176 11.44 -10.15 -8.14
CA ALA A 176 11.10 -9.18 -7.11
C ALA A 176 11.02 -7.76 -7.70
N MET A 177 10.65 -7.69 -8.97
CA MET A 177 10.57 -6.42 -9.70
C MET A 177 9.56 -5.38 -9.21
N PHE A 178 8.27 -5.74 -9.15
CA PHE A 178 7.25 -4.78 -8.70
C PHE A 178 6.79 -5.00 -7.26
N HIS A 179 7.56 -5.76 -6.50
CA HIS A 179 7.24 -6.07 -5.11
C HIS A 179 7.29 -4.86 -4.18
N VAL A 180 6.36 -4.82 -3.22
CA VAL A 180 6.31 -3.74 -2.24
C VAL A 180 6.56 -4.40 -0.88
N ALA A 181 7.68 -4.04 -0.24
CA ALA A 181 8.02 -4.61 1.06
C ALA A 181 6.79 -4.67 1.96
N ARG A 182 6.37 -5.89 2.30
CA ARG A 182 5.21 -6.09 3.16
C ARG A 182 5.46 -5.37 4.47
N GLN A 183 6.54 -4.60 4.51
CA GLN A 183 6.94 -3.87 5.69
C GLN A 183 6.80 -2.37 5.47
N ASP A 184 7.01 -1.94 4.23
CA ASP A 184 6.89 -0.53 3.93
C ASP A 184 5.43 -0.26 3.61
N ALA A 185 4.71 -1.33 3.27
CA ALA A 185 3.29 -1.23 2.97
C ALA A 185 2.60 -0.95 4.30
N GLU A 186 2.98 -1.70 5.33
CA GLU A 186 2.42 -1.55 6.67
C GLU A 186 2.69 -0.17 7.23
N LYS A 187 3.93 0.29 7.13
CA LYS A 187 4.28 1.61 7.64
C LYS A 187 3.42 2.66 6.97
N GLN A 188 3.34 2.58 5.64
CA GLN A 188 2.55 3.55 4.90
C GLN A 188 1.08 3.54 5.28
N VAL A 189 0.54 2.34 5.52
CA VAL A 189 -0.85 2.19 5.91
C VAL A 189 -1.06 2.73 7.32
N GLY A 190 -0.15 2.37 8.21
CA GLY A 190 -0.25 2.81 9.60
C GLY A 190 -0.19 4.31 9.75
N LEU A 191 0.73 4.95 9.06
CA LEU A 191 0.86 6.40 9.15
C LEU A 191 -0.43 7.14 8.81
N ARG A 192 -1.12 6.67 7.78
CA ARG A 192 -2.36 7.30 7.37
C ARG A 192 -3.46 7.04 8.38
N ILE A 193 -3.52 5.81 8.88
CA ILE A 193 -4.53 5.46 9.86
C ILE A 193 -4.25 6.20 11.17
N CYS A 194 -2.97 6.34 11.51
CA CYS A 194 -2.63 7.05 12.74
C CYS A 194 -2.86 8.56 12.61
N SER A 195 -2.52 9.16 11.48
CA SER A 195 -2.72 10.61 11.34
C SER A 195 -4.21 10.92 11.40
N LYS A 196 -5.01 10.05 10.77
CA LYS A 196 -6.47 10.22 10.77
C LYS A 196 -6.95 10.11 12.22
N ILE A 197 -6.30 9.24 12.99
CA ILE A 197 -6.63 9.08 14.40
C ILE A 197 -6.31 10.37 15.14
N ASP A 198 -5.16 10.95 14.84
CA ASP A 198 -4.74 12.21 15.48
C ASP A 198 -5.77 13.32 15.25
N GLU A 199 -6.40 13.36 14.08
CA GLU A 199 -7.39 14.39 13.81
C GLU A 199 -8.60 14.27 14.73
N PHE A 200 -9.06 13.04 14.97
CA PHE A 200 -10.22 12.86 15.85
C PHE A 200 -9.88 13.38 17.26
N PHE A 201 -8.66 13.12 17.72
CA PHE A 201 -8.26 13.55 19.05
C PHE A 201 -8.18 15.07 19.20
N GLU A 202 -8.22 15.79 18.09
CA GLU A 202 -8.19 17.24 18.10
C GLU A 202 -9.55 17.78 18.50
N LEU A 203 -10.53 16.90 18.56
CA LEU A 203 -11.89 17.28 18.94
C LEU A 203 -12.12 17.03 20.42
N SER A 204 -11.06 16.69 21.14
CA SER A 204 -11.17 16.44 22.58
C SER A 204 -11.20 17.76 23.37
N ALA A 205 -12.17 17.85 24.27
CA ALA A 205 -12.35 19.03 25.11
C ALA A 205 -12.55 18.60 26.55
N TYR A 206 -11.58 17.89 27.09
CA TYR A 206 -11.68 17.42 28.47
C TYR A 206 -11.71 18.53 29.52
N ASP A 207 -10.89 19.56 29.31
CA ASP A 207 -10.85 20.68 30.25
C ASP A 207 -12.16 21.47 30.25
N TRP A 208 -13.07 21.09 29.36
CA TRP A 208 -14.37 21.77 29.25
C TRP A 208 -15.51 20.84 29.69
N LEU A 209 -16.73 21.11 29.23
CA LEU A 209 -17.89 20.28 29.62
C LEU A 209 -18.49 19.53 28.42
N PRO A 214 -22.71 14.31 29.92
CA PRO A 214 -23.48 13.13 30.33
C PRO A 214 -22.60 11.89 30.45
N GLY A 215 -23.12 10.86 31.13
CA GLY A 215 -22.37 9.64 31.30
C GLY A 215 -22.37 8.82 30.02
N ILE A 216 -21.69 9.34 29.00
CA ILE A 216 -21.60 8.69 27.70
C ILE A 216 -20.20 8.98 27.25
N ALA A 217 -19.77 8.42 26.12
CA ALA A 217 -18.41 8.67 25.67
C ALA A 217 -18.30 9.87 24.76
N SER A 218 -17.09 10.42 24.67
CA SER A 218 -16.82 11.56 23.82
C SER A 218 -17.09 11.20 22.36
N ALA A 219 -17.94 11.99 21.73
CA ALA A 219 -18.30 11.77 20.34
C ALA A 219 -17.12 11.54 19.42
N PHE A 220 -15.95 12.07 19.74
CA PHE A 220 -14.82 11.86 18.85
C PHE A 220 -14.22 10.45 18.97
N ILE A 221 -14.27 9.88 20.17
CA ILE A 221 -13.77 8.53 20.40
C ILE A 221 -14.67 7.57 19.60
N THR A 222 -15.97 7.73 19.78
CA THR A 222 -17.00 6.96 19.13
C THR A 222 -16.98 7.04 17.59
N ASP A 223 -16.68 8.21 17.05
CA ASP A 223 -16.66 8.34 15.61
C ASP A 223 -15.36 7.81 15.08
N MET A 224 -14.34 7.87 15.91
CA MET A 224 -13.04 7.36 15.48
C MET A 224 -13.20 5.86 15.34
N ILE A 225 -13.82 5.25 16.34
CA ILE A 225 -14.02 3.82 16.35
C ILE A 225 -14.84 3.37 15.15
N SER A 226 -15.83 4.16 14.76
CA SER A 226 -16.65 3.79 13.63
C SER A 226 -15.80 3.87 12.39
N TYR A 227 -15.05 4.95 12.25
CA TYR A 227 -14.20 5.10 11.10
C TYR A 227 -13.18 3.96 11.05
N LEU A 228 -12.68 3.56 12.21
CA LEU A 228 -11.69 2.48 12.28
C LEU A 228 -12.33 1.14 11.85
N LYS A 229 -13.49 0.81 12.41
CA LYS A 229 -14.19 -0.43 12.06
C LYS A 229 -14.45 -0.45 10.56
N SER A 230 -15.00 0.66 10.09
CA SER A 230 -15.35 0.84 8.70
C SER A 230 -14.12 0.88 7.80
N THR A 231 -12.95 1.19 8.34
CA THR A 231 -11.74 1.26 7.52
C THR A 231 -11.10 -0.10 7.42
N PHE A 232 -11.08 -0.81 8.54
CA PHE A 232 -10.50 -2.15 8.58
C PHE A 232 -11.26 -3.13 7.70
N ASP A 233 -12.59 -3.04 7.71
CA ASP A 233 -13.43 -3.93 6.91
C ASP A 233 -13.20 -3.78 5.40
N SER A 234 -12.86 -2.58 4.98
CA SER A 234 -12.66 -2.30 3.56
C SER A 234 -11.47 -2.98 2.90
N PHE A 235 -10.47 -3.41 3.67
CA PHE A 235 -9.32 -4.03 3.04
C PHE A 235 -8.72 -5.23 3.78
N ALA A 236 -9.33 -5.62 4.89
CA ALA A 236 -8.81 -6.73 5.66
C ALA A 236 -8.95 -8.06 4.93
N PHE A 237 -10.05 -8.22 4.20
CA PHE A 237 -10.26 -9.48 3.50
C PHE A 237 -9.39 -9.57 2.27
N LYS A 238 -8.82 -8.43 1.89
CA LYS A 238 -7.94 -8.39 0.74
C LYS A 238 -6.49 -8.52 1.17
N LEU A 239 -6.08 -7.71 2.15
CA LEU A 239 -4.72 -7.76 2.67
C LEU A 239 -4.72 -8.13 4.14
N PRO A 240 -5.06 -9.38 4.46
CA PRO A 240 -5.10 -9.88 5.84
C PRO A 240 -3.91 -9.53 6.73
N HIS A 241 -2.71 -9.94 6.33
CA HIS A 241 -1.52 -9.67 7.13
C HIS A 241 -1.23 -8.18 7.29
N ILE A 242 -1.44 -7.41 6.22
CA ILE A 242 -1.21 -5.96 6.32
C ILE A 242 -2.26 -5.36 7.27
N ALA A 243 -3.47 -5.89 7.22
CA ALA A 243 -4.55 -5.42 8.07
C ALA A 243 -4.24 -5.74 9.52
N GLN A 244 -3.82 -6.98 9.77
CA GLN A 244 -3.47 -7.39 11.13
C GLN A 244 -2.38 -6.48 11.69
N ALA A 245 -1.43 -6.12 10.82
CA ALA A 245 -0.32 -5.26 11.22
C ALA A 245 -0.79 -3.84 11.50
N ALA A 246 -1.54 -3.26 10.58
CA ALA A 246 -2.04 -1.90 10.76
C ALA A 246 -2.91 -1.81 12.01
N CYS A 247 -3.59 -2.89 12.32
CA CYS A 247 -4.45 -2.95 13.50
C CYS A 247 -3.63 -2.90 14.79
N ARG A 248 -2.50 -3.62 14.82
CA ARG A 248 -1.65 -3.62 15.99
C ARG A 248 -1.11 -2.21 16.20
N ARG A 249 -0.71 -1.58 15.11
CA ARG A 249 -0.17 -0.23 15.16
C ARG A 249 -1.27 0.75 15.56
N THR A 250 -2.48 0.52 15.06
CA THR A 250 -3.63 1.37 15.35
C THR A 250 -3.91 1.48 16.84
N PHE A 251 -3.99 0.33 17.50
CA PHE A 251 -4.27 0.29 18.92
C PHE A 251 -3.09 0.78 19.74
N GLU A 252 -1.89 0.55 19.23
CA GLU A 252 -0.72 1.03 19.95
C GLU A 252 -0.82 2.56 19.95
N HIS A 253 -1.05 3.15 18.77
CA HIS A 253 -1.14 4.59 18.71
C HIS A 253 -2.27 5.16 19.56
N ILE A 254 -3.44 4.49 19.57
CA ILE A 254 -4.54 4.99 20.40
C ILE A 254 -4.10 4.97 21.85
N ALA A 255 -3.45 3.86 22.24
CA ALA A 255 -2.97 3.72 23.60
C ALA A 255 -2.09 4.91 23.97
N GLU A 256 -1.21 5.33 23.06
CA GLU A 256 -0.36 6.45 23.38
C GLU A 256 -1.05 7.83 23.38
N LYS A 257 -2.09 8.00 22.57
CA LYS A 257 -2.81 9.28 22.55
C LYS A 257 -3.59 9.44 23.85
N ILE A 258 -4.12 8.34 24.36
CA ILE A 258 -4.86 8.38 25.61
C ILE A 258 -3.90 8.65 26.77
N TYR A 259 -2.76 7.99 26.76
CA TYR A 259 -1.77 8.22 27.81
C TYR A 259 -1.37 9.69 27.79
N SER A 260 -1.12 10.22 26.61
CA SER A 260 -0.74 11.62 26.46
C SER A 260 -1.84 12.55 26.99
N ILE A 261 -3.07 12.05 27.03
CA ILE A 261 -4.17 12.86 27.52
C ILE A 261 -4.10 12.96 29.04
N MET A 262 -3.92 11.83 29.70
CA MET A 262 -3.84 11.78 31.16
C MET A 262 -2.63 12.57 31.67
N TYR A 263 -1.58 12.58 30.86
CA TYR A 263 -0.34 13.28 31.18
C TYR A 263 -0.52 14.81 31.25
N ASP A 264 -1.70 15.29 30.85
CA ASP A 264 -2.02 16.71 30.86
C ASP A 264 -3.24 16.98 31.73
N SER A 271 -10.77 17.30 37.86
CA SER A 271 -12.12 17.80 38.05
C SER A 271 -13.20 16.73 37.99
N THR A 272 -13.50 16.04 38.88
CA THR A 272 -14.00 14.68 38.72
C THR A 272 -14.75 14.54 37.41
N GLY A 273 -15.46 15.12 36.91
CA GLY A 273 -16.32 14.93 35.76
C GLY A 273 -15.48 14.66 34.52
N ALA A 274 -14.24 15.15 34.54
CA ALA A 274 -13.33 14.97 33.41
C ALA A 274 -12.61 13.64 33.54
N LEU A 275 -12.26 13.30 34.82
CA LEU A 275 -11.69 11.98 35.10
C LEU A 275 -12.77 10.93 34.66
N THR A 276 -13.89 10.93 34.82
CA THR A 276 -14.86 9.91 34.43
C THR A 276 -15.26 10.04 32.97
N GLN A 277 -14.62 10.96 32.25
CA GLN A 277 -14.91 11.13 30.84
C GLN A 277 -13.80 10.38 30.10
N ILE A 278 -12.63 10.38 30.71
CA ILE A 278 -11.50 9.69 30.14
C ILE A 278 -11.74 8.19 30.36
N ASN A 279 -12.38 7.86 31.47
CA ASN A 279 -12.68 6.48 31.80
C ASN A 279 -13.66 5.88 30.78
N LEU A 280 -14.74 6.62 30.50
CA LEU A 280 -15.73 6.17 29.56
C LEU A 280 -15.12 6.11 28.16
N ASP A 281 -14.10 6.93 27.90
CA ASP A 281 -13.47 6.94 26.59
C ASP A 281 -12.50 5.77 26.43
N LEU A 282 -11.80 5.43 27.51
CA LEU A 282 -10.87 4.33 27.45
C LEU A 282 -11.67 3.02 27.38
N MET A 283 -12.82 2.97 28.06
CA MET A 283 -13.61 1.75 28.02
C MET A 283 -14.06 1.49 26.61
N GLN A 284 -14.43 2.54 25.89
CA GLN A 284 -14.88 2.33 24.53
C GLN A 284 -13.77 1.71 23.70
N CYS A 285 -12.55 2.12 23.97
CA CYS A 285 -11.41 1.62 23.21
C CYS A 285 -11.06 0.20 23.65
N GLU A 286 -11.29 -0.08 24.92
CA GLU A 286 -11.04 -1.40 25.49
C GLU A 286 -12.06 -2.40 24.91
N PHE A 287 -13.32 -2.01 24.76
CA PHE A 287 -14.33 -2.90 24.19
C PHE A 287 -13.88 -3.23 22.77
N PHE A 288 -13.55 -2.19 22.03
CA PHE A 288 -13.11 -2.30 20.65
C PHE A 288 -11.97 -3.32 20.48
N ALA A 289 -10.95 -3.20 21.34
CA ALA A 289 -9.81 -4.11 21.30
C ALA A 289 -10.26 -5.55 21.48
N ALA A 290 -11.29 -5.73 22.31
CA ALA A 290 -11.84 -7.03 22.62
C ALA A 290 -12.99 -7.44 21.71
N SER A 291 -13.03 -6.93 20.49
CA SER A 291 -14.13 -7.28 19.60
C SER A 291 -13.69 -7.89 18.28
N GLU A 292 -12.40 -8.16 18.13
CA GLU A 292 -11.88 -8.74 16.90
C GLU A 292 -12.10 -7.82 15.72
N PRO A 293 -11.46 -6.64 15.70
CA PRO A 293 -11.62 -5.69 14.60
C PRO A 293 -11.14 -6.28 13.27
N VAL A 294 -10.16 -7.16 13.37
CA VAL A 294 -9.61 -7.84 12.20
C VAL A 294 -9.30 -9.29 12.57
N PRO A 295 -9.80 -10.22 11.77
CA PRO A 295 -9.58 -11.65 12.01
C PRO A 295 -8.11 -12.04 11.99
N GLY A 296 -7.72 -12.92 12.93
CA GLY A 296 -6.34 -13.39 12.95
C GLY A 296 -5.29 -12.81 13.88
N LEU A 297 -5.58 -12.14 14.96
CA LEU A 297 -4.73 -12.01 16.17
C LEU A 297 -5.36 -12.79 17.32
N LYS A 298 -6.49 -13.28 17.30
CA LYS A 298 -7.42 -13.53 18.38
C LYS A 298 -6.69 -13.91 19.65
N GLU A 299 -6.35 -13.74 20.61
CA GLU A 299 -6.41 -13.52 22.06
C GLU A 299 -5.81 -12.28 22.69
N GLY A 300 -6.62 -11.51 23.41
CA GLY A 300 -6.15 -10.29 24.08
C GLY A 300 -4.84 -9.67 23.66
N GLU A 301 -4.55 -9.70 22.37
CA GLU A 301 -3.32 -9.11 21.87
C GLU A 301 -3.50 -7.61 21.86
N LEU A 302 -4.62 -7.18 21.29
CA LEU A 302 -4.91 -5.75 21.21
C LEU A 302 -5.12 -5.16 22.60
N SER A 303 -5.79 -5.93 23.45
CA SER A 303 -6.10 -5.51 24.80
C SER A 303 -4.91 -5.13 25.65
N LYS A 304 -3.80 -5.83 25.52
CA LYS A 304 -2.66 -5.51 26.37
C LYS A 304 -2.10 -4.12 26.10
N TYR A 305 -2.49 -3.52 24.98
CA TYR A 305 -2.02 -2.16 24.65
C TYR A 305 -2.66 -1.16 25.62
N PHE A 306 -3.77 -1.55 26.23
CA PHE A 306 -4.45 -0.66 27.16
C PHE A 306 -4.25 -0.97 28.63
N LEU A 307 -3.55 -2.04 28.96
CA LEU A 307 -3.34 -2.40 30.35
C LEU A 307 -2.64 -1.32 31.16
N ARG A 308 -1.51 -0.83 30.67
CA ARG A 308 -0.78 0.21 31.41
C ARG A 308 -1.68 1.42 31.64
N ASN A 309 -2.44 1.81 30.62
CA ASN A 309 -3.34 2.96 30.72
C ASN A 309 -4.43 2.71 31.75
N ARG A 310 -5.00 1.51 31.73
CA ARG A 310 -6.06 1.16 32.66
C ARG A 310 -5.51 1.14 34.10
N GLN A 311 -4.27 0.66 34.26
CA GLN A 311 -3.68 0.63 35.58
C GLN A 311 -3.51 2.05 36.11
N LEU A 312 -2.85 2.88 35.31
CA LEU A 312 -2.62 4.28 35.67
C LEU A 312 -3.94 4.98 35.97
N LEU A 313 -4.87 4.92 35.02
CA LEU A 313 -6.16 5.56 35.21
C LEU A 313 -6.71 5.18 36.57
N ASP A 314 -6.86 3.88 36.82
CA ASP A 314 -7.38 3.40 38.10
C ASP A 314 -6.61 3.94 39.29
N LEU A 315 -5.30 4.11 39.14
CA LEU A 315 -4.48 4.67 40.22
C LEU A 315 -4.73 6.18 40.34
N LEU A 316 -5.27 6.78 39.29
CA LEU A 316 -5.58 8.21 39.29
C LEU A 316 -6.91 8.40 39.98
N ILE A 317 -7.86 7.54 39.68
CA ILE A 317 -9.18 7.61 40.27
C ILE A 317 -9.15 7.41 41.78
N LEU A 318 -8.14 6.70 42.27
CA LEU A 318 -8.04 6.51 43.72
C LEU A 318 -7.36 7.74 44.30
N GLU A 319 -7.99 8.89 44.10
CA GLU A 319 -7.50 10.18 44.57
C GLU A 319 -8.55 11.25 44.29
#